data_3BF4
#
_entry.id   3BF4
#
_cell.length_a   74.540
_cell.length_b   74.540
_cell.length_c   98.870
_cell.angle_alpha   90.000
_cell.angle_beta   90.000
_cell.angle_gamma   90.000
#
_symmetry.space_group_name_H-M   'P 43 21 2'
#
loop_
_entity.id
_entity.type
_entity.pdbx_description
1 polymer 'Ethyl tert-butyl ether degradation EthD protein'
2 non-polymer 1,2-ETHANEDIOL
3 non-polymer 'ISOPROPYL ALCOHOL'
4 water water
#
_entity_poly.entity_id   1
_entity_poly.type   'polypeptide(L)'
_entity_poly.pdbx_seq_one_letter_code
;(MSE)GSDKIHHHHHHENLYFQG(MSE)IKVNV(MSE)YPYTEGARFDHAYYCDRH(MSE)P(MSE)VKARLGSACAYYT
VEKGLAGSASGAPPAFVA(MSE)CAFICDSAENFYAA(MSE)YYHGAEILGDIANYTDIAPVLQISEVVVERSDR
;
_entity_poly.pdbx_strand_id   A,B
#
loop_
_chem_comp.id
_chem_comp.type
_chem_comp.name
_chem_comp.formula
EDO non-polymer 1,2-ETHANEDIOL 'C2 H6 O2'
IPA non-polymer 'ISOPROPYL ALCOHOL' 'C3 H8 O'
#
# COMPACT_ATOMS: atom_id res chain seq x y z
N GLU A 13 -13.33 22.58 -1.35
CA GLU A 13 -13.82 23.09 -0.02
C GLU A 13 -12.70 23.83 0.71
N ASN A 14 -11.58 23.13 0.93
CA ASN A 14 -10.38 23.66 1.60
C ASN A 14 -9.47 24.40 0.63
N LEU A 15 -8.72 25.38 1.14
CA LEU A 15 -7.76 26.15 0.33
C LEU A 15 -6.51 25.35 -0.05
N TYR A 16 -6.17 24.35 0.75
CA TYR A 16 -5.06 23.47 0.46
C TYR A 16 -5.35 22.07 0.99
N PHE A 17 -4.66 21.08 0.45
CA PHE A 17 -4.86 19.69 0.84
C PHE A 17 -4.47 19.44 2.31
N GLN A 18 -5.46 19.01 3.09
CA GLN A 18 -5.30 18.66 4.52
C GLN A 18 -6.20 17.47 4.89
N GLY A 19 -6.35 16.53 3.95
CA GLY A 19 -7.18 15.35 4.11
C GLY A 19 -6.39 14.17 4.68
N MSE A 20 -7.07 13.04 4.75
CA MSE A 20 -6.48 11.81 5.29
C MSE A 20 -5.34 11.34 4.40
O MSE A 20 -5.44 11.39 3.16
CB MSE A 20 -7.54 10.72 5.40
CG MSE A 20 -7.10 9.46 6.16
SE MSE A 20 -8.49 8.10 6.04
CE MSE A 20 -9.93 9.04 7.00
N ILE A 21 -4.22 10.96 5.03
CA ILE A 21 -3.08 10.44 4.31
C ILE A 21 -2.80 9.01 4.76
N LYS A 22 -2.01 8.35 3.93
CA LYS A 22 -1.53 6.99 4.12
C LYS A 22 -0.02 7.08 3.95
N VAL A 23 0.75 6.73 4.99
CA VAL A 23 2.21 6.71 4.93
C VAL A 23 2.59 5.25 4.70
N ASN A 24 3.19 4.96 3.56
CA ASN A 24 3.61 3.63 3.13
C ASN A 24 5.10 3.42 3.35
N VAL A 25 5.47 2.34 4.04
CA VAL A 25 6.89 1.95 4.20
C VAL A 25 6.95 0.59 3.49
N MSE A 26 7.81 0.49 2.48
CA MSE A 26 7.87 -0.66 1.60
C MSE A 26 9.31 -1.15 1.45
O MSE A 26 10.15 -0.42 0.92
CB MSE A 26 7.27 -0.25 0.26
CG MSE A 26 5.88 0.35 0.41
SE MSE A 26 5.14 1.16 -1.17
CE MSE A 26 6.46 2.57 -1.46
N TYR A 27 9.57 -2.38 1.91
CA TYR A 27 10.92 -2.95 1.94
C TYR A 27 11.09 -3.83 0.71
N PRO A 28 11.92 -3.40 -0.27
CA PRO A 28 12.13 -4.20 -1.48
C PRO A 28 12.68 -5.60 -1.19
N TYR A 29 12.15 -6.59 -1.90
CA TYR A 29 12.60 -7.98 -1.77
C TYR A 29 13.98 -8.06 -2.40
N THR A 30 14.94 -8.59 -1.64
CA THR A 30 16.31 -8.80 -2.10
C THR A 30 16.67 -10.26 -1.75
N GLU A 31 16.92 -11.09 -2.77
CA GLU A 31 17.22 -12.54 -2.62
C GLU A 31 18.28 -12.83 -1.55
N GLY A 32 17.87 -13.53 -0.49
CA GLY A 32 18.76 -13.87 0.62
C GLY A 32 18.92 -12.86 1.75
N ALA A 33 18.49 -11.61 1.55
CA ALA A 33 18.61 -10.54 2.57
C ALA A 33 17.73 -10.82 3.78
N ARG A 34 18.17 -10.31 4.93
CA ARG A 34 17.49 -10.52 6.20
C ARG A 34 16.24 -9.64 6.40
N PHE A 35 15.14 -10.26 6.83
CA PHE A 35 13.94 -9.55 7.28
C PHE A 35 13.18 -10.38 8.31
N ASP A 36 13.32 -10.00 9.59
CA ASP A 36 12.66 -10.68 10.70
C ASP A 36 11.22 -10.15 10.78
N HIS A 37 10.29 -10.89 10.17
CA HIS A 37 8.87 -10.48 10.14
C HIS A 37 8.21 -10.48 11.53
N ALA A 38 8.67 -11.34 12.44
CA ALA A 38 8.14 -11.43 13.82
C ALA A 38 8.49 -10.17 14.62
N TYR A 39 9.76 -9.77 14.61
CA TYR A 39 10.22 -8.56 15.31
C TYR A 39 9.51 -7.33 14.74
N TYR A 40 9.47 -7.27 13.41
CA TYR A 40 8.83 -6.17 12.70
C TYR A 40 7.38 -5.95 13.16
N CYS A 41 6.62 -7.03 13.18
CA CYS A 41 5.22 -7.01 13.55
C CYS A 41 4.90 -6.82 15.04
N ASP A 42 5.57 -7.58 15.93
CA ASP A 42 5.26 -7.53 17.38
CA ASP A 42 5.30 -7.57 17.37
C ASP A 42 6.12 -6.55 18.19
N ARG A 43 7.28 -6.11 17.67
CA ARG A 43 8.17 -5.16 18.40
C ARG A 43 8.24 -3.79 17.76
N HIS A 44 8.63 -3.75 16.48
CA HIS A 44 8.81 -2.48 15.79
C HIS A 44 7.53 -1.67 15.57
N MSE A 45 6.53 -2.26 14.91
CA MSE A 45 5.27 -1.55 14.58
C MSE A 45 4.49 -0.99 15.78
O MSE A 45 3.99 0.13 15.70
CB MSE A 45 4.34 -2.41 13.69
CG MSE A 45 4.88 -2.72 12.30
SE MSE A 45 5.15 -1.15 11.21
CE MSE A 45 3.29 -0.54 11.15
N PRO A 46 4.34 -1.78 16.87
CA PRO A 46 3.71 -1.24 18.08
C PRO A 46 4.52 -0.07 18.69
N MSE A 47 5.84 -0.12 18.61
CA MSE A 47 6.70 0.99 19.05
C MSE A 47 6.47 2.23 18.16
O MSE A 47 6.32 3.32 18.69
CB MSE A 47 8.18 0.60 19.11
CG MSE A 47 9.13 1.71 19.57
SE MSE A 47 9.68 2.96 18.14
CE MSE A 47 10.51 1.66 16.92
N VAL A 48 6.46 2.05 16.83
CA VAL A 48 6.25 3.20 15.92
C VAL A 48 4.87 3.84 16.15
N LYS A 49 3.84 3.01 16.34
CA LYS A 49 2.48 3.48 16.62
C LYS A 49 2.42 4.24 17.94
N ALA A 50 3.10 3.72 18.98
CA ALA A 50 3.18 4.41 20.28
C ALA A 50 3.75 5.82 20.14
N ARG A 51 4.80 5.96 19.32
CA ARG A 51 5.44 7.27 19.07
C ARG A 51 4.61 8.19 18.21
N LEU A 52 3.83 7.64 17.27
CA LEU A 52 2.90 8.45 16.48
C LEU A 52 1.73 8.96 17.31
N GLY A 53 1.30 8.15 18.30
CA GLY A 53 0.19 8.50 19.18
C GLY A 53 -1.09 8.75 18.39
N SER A 54 -1.74 9.88 18.68
CA SER A 54 -2.99 10.29 18.03
C SER A 54 -2.82 10.74 16.58
N ALA A 55 -1.60 11.02 16.16
CA ALA A 55 -1.28 11.36 14.77
C ALA A 55 -1.61 10.24 13.76
N CYS A 56 -1.67 8.98 14.23
CA CYS A 56 -2.02 7.83 13.40
C CYS A 56 -3.28 7.17 13.95
N ALA A 57 -4.31 7.03 13.10
CA ALA A 57 -5.58 6.38 13.46
C ALA A 57 -5.37 4.87 13.63
N TYR A 58 -4.69 4.26 12.67
CA TYR A 58 -4.35 2.83 12.72
C TYR A 58 -3.27 2.54 11.69
N TYR A 59 -2.66 1.36 11.85
CA TYR A 59 -1.68 0.87 10.91
C TYR A 59 -2.09 -0.50 10.36
N THR A 60 -1.46 -0.85 9.23
CA THR A 60 -1.63 -2.15 8.59
C THR A 60 -0.23 -2.74 8.35
N VAL A 61 -0.14 -4.06 8.27
CA VAL A 61 1.11 -4.78 8.00
C VAL A 61 0.82 -5.95 7.06
N GLU A 62 1.75 -6.21 6.14
CA GLU A 62 1.63 -7.33 5.20
C GLU A 62 3.01 -7.93 4.89
N LYS A 63 3.00 -9.19 4.46
CA LYS A 63 4.19 -9.95 4.08
C LYS A 63 4.01 -10.33 2.62
N GLY A 64 4.98 -9.98 1.77
CA GLY A 64 4.92 -10.30 0.35
C GLY A 64 4.96 -11.79 0.11
N LEU A 65 4.07 -12.29 -0.74
CA LEU A 65 4.03 -13.71 -1.11
C LEU A 65 4.54 -13.93 -2.53
N ALA A 66 4.06 -13.13 -3.49
CA ALA A 66 4.46 -13.29 -4.88
C ALA A 66 4.22 -12.05 -5.70
N GLY A 67 4.81 -12.05 -6.90
CA GLY A 67 4.62 -11.00 -7.90
C GLY A 67 3.53 -11.49 -8.84
N SER A 68 3.47 -10.97 -10.06
CA SER A 68 2.46 -11.40 -11.03
C SER A 68 2.83 -12.75 -11.67
N ALA A 69 4.09 -12.92 -12.08
CA ALA A 69 4.58 -14.15 -12.74
C ALA A 69 4.63 -15.38 -11.82
N SER A 70 4.43 -16.56 -12.43
CA SER A 70 4.43 -17.85 -11.73
C SER A 70 5.81 -18.08 -11.12
N GLY A 71 5.85 -18.23 -9.80
CA GLY A 71 7.10 -18.39 -9.07
C GLY A 71 7.90 -17.11 -8.90
N ALA A 72 7.32 -15.96 -9.27
CA ALA A 72 7.99 -14.67 -9.20
C ALA A 72 7.91 -14.21 -7.77
N PRO A 73 9.01 -13.69 -7.22
CA PRO A 73 8.95 -13.16 -5.88
C PRO A 73 8.19 -11.84 -5.85
N PRO A 74 7.78 -11.38 -4.66
CA PRO A 74 7.08 -10.11 -4.57
C PRO A 74 8.07 -8.95 -4.76
N ALA A 75 7.56 -7.79 -5.15
CA ALA A 75 8.40 -6.59 -5.26
C ALA A 75 8.96 -6.23 -3.88
N PHE A 76 8.10 -6.28 -2.87
CA PHE A 76 8.39 -5.91 -1.49
C PHE A 76 8.19 -7.10 -0.56
N VAL A 77 9.23 -7.43 0.21
CA VAL A 77 9.18 -8.52 1.20
C VAL A 77 8.18 -8.21 2.32
N ALA A 78 8.14 -6.94 2.73
CA ALA A 78 7.22 -6.47 3.76
C ALA A 78 6.80 -5.04 3.44
N MSE A 79 5.58 -4.69 3.84
CA MSE A 79 5.04 -3.35 3.69
C MSE A 79 4.15 -3.05 4.88
O MSE A 79 3.62 -3.95 5.49
CB MSE A 79 4.17 -3.22 2.42
CG MSE A 79 4.84 -3.58 1.13
SE MSE A 79 3.59 -3.52 -0.36
CE MSE A 79 3.11 -1.63 -0.36
N CYS A 80 4.08 -1.78 5.25
CA CYS A 80 3.13 -1.31 6.26
C CYS A 80 2.53 0.00 5.78
N ALA A 81 1.48 0.42 6.46
CA ALA A 81 0.87 1.71 6.21
C ALA A 81 0.35 2.32 7.50
N PHE A 82 0.60 3.62 7.67
CA PHE A 82 0.08 4.41 8.77
C PHE A 82 -0.98 5.34 8.18
N ILE A 83 -2.22 5.17 8.61
CA ILE A 83 -3.35 5.99 8.19
C ILE A 83 -3.41 7.12 9.21
N CYS A 84 -3.25 8.36 8.73
CA CYS A 84 -3.17 9.56 9.56
C CYS A 84 -4.11 10.64 9.04
N ASP A 85 -4.78 11.32 9.95
CA ASP A 85 -5.70 12.41 9.60
C ASP A 85 -4.97 13.67 9.09
N SER A 86 -3.71 13.86 9.50
CA SER A 86 -2.91 15.04 9.13
C SER A 86 -1.47 14.69 8.80
N ALA A 87 -0.98 15.14 7.65
CA ALA A 87 0.43 15.00 7.30
C ALA A 87 1.32 15.79 8.28
N GLU A 88 0.88 16.99 8.66
CA GLU A 88 1.67 17.86 9.55
C GLU A 88 1.90 17.20 10.91
N ASN A 89 0.86 16.54 11.45
CA ASN A 89 0.98 15.80 12.70
C ASN A 89 1.91 14.59 12.57
N PHE A 90 1.83 13.88 11.45
CA PHE A 90 2.75 12.78 11.19
C PHE A 90 4.20 13.25 11.21
N TYR A 91 4.50 14.34 10.49
CA TYR A 91 5.86 14.88 10.41
C TYR A 91 6.36 15.38 11.75
N ALA A 92 5.48 15.99 12.56
CA ALA A 92 5.85 16.45 13.90
C ALA A 92 6.33 15.26 14.73
N ALA A 93 5.59 14.15 14.68
CA ALA A 93 6.00 12.90 15.36
C ALA A 93 7.36 12.37 14.84
N MSE A 94 7.59 12.46 13.53
CA MSE A 94 8.85 12.04 12.92
C MSE A 94 10.04 12.91 13.30
O MSE A 94 11.16 12.40 13.36
CB MSE A 94 8.73 11.89 11.40
CG MSE A 94 7.78 10.81 10.97
SE MSE A 94 8.28 9.06 11.65
CE MSE A 94 9.94 8.86 10.60
N TYR A 95 9.82 14.20 13.53
CA TYR A 95 10.89 15.04 14.04
C TYR A 95 11.27 14.60 15.48
N TYR A 96 10.27 14.41 16.34
CA TYR A 96 10.50 14.01 17.74
C TYR A 96 10.99 12.58 17.93
N HIS A 97 10.51 11.65 17.09
CA HIS A 97 10.80 10.22 17.25
C HIS A 97 11.41 9.48 16.06
N GLY A 98 11.69 10.16 14.96
CA GLY A 98 12.27 9.51 13.78
C GLY A 98 13.65 8.92 13.98
N ALA A 99 14.49 9.56 14.80
CA ALA A 99 15.84 9.07 15.09
C ALA A 99 15.74 7.68 15.73
N GLU A 100 14.91 7.57 16.78
CA GLU A 100 14.65 6.29 17.44
C GLU A 100 14.05 5.27 16.47
N ILE A 101 13.03 5.67 15.71
CA ILE A 101 12.35 4.77 14.77
C ILE A 101 13.36 4.19 13.77
N LEU A 102 14.14 5.05 13.12
CA LEU A 102 15.18 4.64 12.17
C LEU A 102 16.28 3.78 12.80
N GLY A 103 16.65 4.09 14.04
CA GLY A 103 17.65 3.33 14.77
C GLY A 103 17.28 1.89 15.07
N ASP A 104 15.99 1.58 15.08
CA ASP A 104 15.46 0.22 15.33
C ASP A 104 15.40 -0.67 14.08
N ILE A 105 15.54 -0.09 12.87
CA ILE A 105 15.42 -0.86 11.63
CA ILE A 105 15.45 -0.85 11.60
C ILE A 105 16.48 -1.99 11.56
N ALA A 106 17.71 -1.69 11.99
CA ALA A 106 18.80 -2.69 12.04
C ALA A 106 18.50 -3.96 12.88
N ASN A 107 17.57 -3.86 13.83
CA ASN A 107 17.17 -5.00 14.66
C ASN A 107 16.36 -6.08 13.95
N TYR A 108 15.78 -5.76 12.80
CA TYR A 108 15.02 -6.74 12.00
C TYR A 108 15.40 -6.84 10.52
N THR A 109 16.16 -5.87 9.97
CA THR A 109 16.54 -5.91 8.56
C THR A 109 17.67 -4.95 8.18
N ASP A 110 18.39 -5.28 7.11
N ASP A 110 18.32 -5.32 7.08
CA ASP A 110 19.40 -4.39 6.50
CA ASP A 110 19.40 -4.58 6.44
C ASP A 110 18.87 -3.77 5.18
C ASP A 110 18.90 -3.93 5.13
N ILE A 111 17.58 -3.97 4.89
CA ILE A 111 16.94 -3.43 3.69
C ILE A 111 16.50 -1.98 3.96
N ALA A 112 16.93 -1.05 3.10
CA ALA A 112 16.53 0.35 3.17
C ALA A 112 15.12 0.43 2.54
N PRO A 113 14.10 0.87 3.31
CA PRO A 113 12.76 0.94 2.75
C PRO A 113 12.53 2.16 1.86
N VAL A 114 11.50 2.04 1.02
CA VAL A 114 10.99 3.12 0.18
C VAL A 114 9.81 3.67 1.00
N LEU A 115 9.79 4.98 1.21
CA LEU A 115 8.74 5.66 1.94
C LEU A 115 7.95 6.55 0.99
N GLN A 116 6.63 6.49 1.12
CA GLN A 116 5.72 7.29 0.32
C GLN A 116 4.54 7.80 1.15
N ILE A 117 4.13 9.03 0.86
CA ILE A 117 2.93 9.63 1.42
C ILE A 117 1.93 9.75 0.28
N SER A 118 0.73 9.26 0.51
CA SER A 118 -0.37 9.28 -0.43
C SER A 118 -1.62 9.88 0.20
N GLU A 119 -2.47 10.47 -0.63
CA GLU A 119 -3.82 10.86 -0.25
C GLU A 119 -4.66 9.59 -0.27
N VAL A 120 -5.47 9.37 0.77
CA VAL A 120 -6.42 8.26 0.81
C VAL A 120 -7.62 8.72 -0.04
N VAL A 121 -7.82 8.07 -1.18
CA VAL A 121 -8.93 8.39 -2.09
C VAL A 121 -10.15 7.56 -1.66
N VAL A 122 -9.97 6.25 -1.55
CA VAL A 122 -10.99 5.34 -1.01
C VAL A 122 -10.29 4.62 0.14
N GLU A 123 -10.77 4.83 1.37
CA GLU A 123 -10.19 4.18 2.56
C GLU A 123 -10.58 2.70 2.55
N ARG A 124 -11.86 2.42 2.33
CA ARG A 124 -12.37 1.05 2.12
C ARG A 124 -13.71 1.13 1.41
N SER A 125 -13.82 0.45 0.27
CA SER A 125 -14.98 0.54 -0.62
C SER A 125 -16.34 0.12 -0.04
N ASP A 126 -16.33 -0.75 0.98
CA ASP A 126 -17.56 -1.20 1.66
C ASP A 126 -18.06 -0.27 2.81
N ARG A 127 -17.40 0.87 3.03
CA ARG A 127 -17.77 1.87 4.07
C ARG A 127 -17.86 3.26 3.45
N PHE B 17 -2.03 -20.10 -1.41
CA PHE B 17 -2.05 -19.63 0.01
C PHE B 17 -3.48 -19.58 0.54
N GLN B 18 -3.66 -20.08 1.77
CA GLN B 18 -4.95 -20.12 2.46
C GLN B 18 -4.89 -19.05 3.56
N GLY B 19 -5.79 -18.08 3.50
CA GLY B 19 -5.86 -16.96 4.47
C GLY B 19 -6.13 -15.65 3.76
N MSE B 20 -6.29 -14.57 4.53
CA MSE B 20 -6.62 -13.24 3.97
C MSE B 20 -5.42 -12.65 3.23
O MSE B 20 -4.32 -12.56 3.78
CB MSE B 20 -7.09 -12.27 5.04
CG MSE B 20 -7.79 -11.05 4.46
SE MSE B 20 -8.13 -9.70 5.84
CE MSE B 20 -9.03 -10.82 7.20
N ILE B 21 -5.65 -12.26 1.98
CA ILE B 21 -4.61 -11.73 1.12
C ILE B 21 -4.94 -10.32 0.64
N LYS B 22 -3.90 -9.65 0.16
CA LYS B 22 -3.98 -8.27 -0.31
C LYS B 22 -3.28 -8.25 -1.65
N VAL B 23 -4.04 -7.98 -2.72
CA VAL B 23 -3.50 -7.87 -4.08
C VAL B 23 -3.24 -6.39 -4.33
N ASN B 24 -1.97 -6.03 -4.53
CA ASN B 24 -1.54 -4.63 -4.73
C ASN B 24 -1.22 -4.32 -6.18
N VAL B 25 -1.77 -3.20 -6.68
CA VAL B 25 -1.55 -2.71 -8.05
C VAL B 25 -0.94 -1.33 -7.85
N MSE B 26 0.32 -1.17 -8.23
CA MSE B 26 1.12 0.00 -7.88
C MSE B 26 1.75 0.59 -9.14
O MSE B 26 2.68 0.01 -9.67
CB MSE B 26 2.18 -0.45 -6.85
CG MSE B 26 1.55 -1.02 -5.58
SE MSE B 26 2.81 -1.80 -4.34
CE MSE B 26 3.43 -3.32 -5.44
N TYR B 27 1.21 1.73 -9.58
CA TYR B 27 1.63 2.37 -10.82
C TYR B 27 2.81 3.30 -10.58
N PRO B 28 4.03 2.96 -11.11
CA PRO B 28 5.18 3.85 -10.90
C PRO B 28 5.03 5.27 -11.43
N TYR B 29 5.50 6.23 -10.64
CA TYR B 29 5.46 7.64 -11.02
C TYR B 29 6.51 7.91 -12.07
N THR B 30 6.11 8.63 -13.12
CA THR B 30 7.01 9.16 -14.14
C THR B 30 6.50 10.54 -14.51
N GLU B 31 7.37 11.54 -14.39
CA GLU B 31 7.05 12.93 -14.72
C GLU B 31 6.44 12.99 -16.12
N GLY B 32 5.25 13.59 -16.22
CA GLY B 32 4.54 13.72 -17.51
C GLY B 32 3.74 12.51 -18.00
N ALA B 33 3.78 11.39 -17.26
CA ALA B 33 3.03 10.17 -17.62
C ALA B 33 1.57 10.41 -17.23
N ARG B 34 0.66 10.01 -18.10
CA ARG B 34 -0.77 10.16 -17.84
C ARG B 34 -1.28 9.16 -16.81
N PHE B 35 -2.05 9.67 -15.84
CA PHE B 35 -2.82 8.85 -14.90
C PHE B 35 -4.08 9.64 -14.53
N ASP B 36 -5.20 9.22 -15.10
CA ASP B 36 -6.50 9.89 -14.89
C ASP B 36 -7.11 9.35 -13.60
N HIS B 37 -6.77 10.03 -12.50
CA HIS B 37 -7.21 9.65 -11.15
C HIS B 37 -8.73 9.60 -10.97
N ALA B 38 -9.43 10.59 -11.51
CA ALA B 38 -10.89 10.67 -11.41
C ALA B 38 -11.57 9.47 -12.12
N TYR B 39 -11.13 9.17 -13.34
CA TYR B 39 -11.62 8.01 -14.08
C TYR B 39 -11.35 6.71 -13.30
N TYR B 40 -10.15 6.61 -12.75
CA TYR B 40 -9.73 5.43 -11.99
C TYR B 40 -10.65 5.14 -10.79
N CYS B 41 -10.89 6.16 -9.96
CA CYS B 41 -11.74 6.05 -8.77
CA CYS B 41 -11.74 5.95 -8.77
C CYS B 41 -13.24 5.99 -9.09
N ASP B 42 -13.70 6.87 -9.98
CA ASP B 42 -15.13 6.96 -10.31
C ASP B 42 -15.69 5.91 -11.26
N ARG B 43 -14.89 5.41 -12.19
CA ARG B 43 -15.38 4.49 -13.24
C ARG B 43 -14.74 3.12 -13.20
N HIS B 44 -13.42 3.08 -13.23
CA HIS B 44 -12.70 1.82 -13.34
C HIS B 44 -12.84 0.91 -12.13
N MSE B 45 -12.40 1.40 -10.96
CA MSE B 45 -12.42 0.58 -9.74
C MSE B 45 -13.82 0.01 -9.37
O MSE B 45 -13.92 -1.17 -9.04
CB MSE B 45 -11.77 1.32 -8.56
CG MSE B 45 -10.28 1.55 -8.72
SE MSE B 45 -9.30 -0.14 -8.84
CE MSE B 45 -9.68 -0.84 -7.06
N PRO B 46 -14.89 0.85 -9.41
CA PRO B 46 -16.24 0.32 -9.16
C PRO B 46 -16.65 -0.81 -10.10
N MSE B 47 -16.26 -0.70 -11.37
CA MSE B 47 -16.53 -1.76 -12.36
C MSE B 47 -15.74 -3.00 -12.01
O MSE B 47 -16.28 -4.08 -12.01
CB MSE B 47 -16.20 -1.29 -13.79
CG MSE B 47 -16.43 -2.32 -14.91
SE MSE B 47 -14.86 -3.48 -15.19
CE MSE B 47 -13.68 -2.16 -16.05
N VAL B 48 -14.46 -2.84 -11.69
CA VAL B 48 -13.61 -3.99 -11.33
C VAL B 48 -14.20 -4.74 -10.13
N LYS B 49 -14.59 -4.01 -9.08
CA LYS B 49 -15.18 -4.61 -7.88
C LYS B 49 -16.52 -5.31 -8.18
N ALA B 50 -17.35 -4.70 -9.04
CA ALA B 50 -18.62 -5.33 -9.45
C ALA B 50 -18.38 -6.69 -10.12
N ARG B 51 -17.36 -6.75 -10.99
CA ARG B 51 -17.01 -8.00 -11.66
C ARG B 51 -16.36 -9.01 -10.70
N LEU B 52 -15.51 -8.54 -9.79
CA LEU B 52 -14.90 -9.45 -8.78
C LEU B 52 -15.94 -10.05 -7.83
N GLY B 53 -16.96 -9.27 -7.49
CA GLY B 53 -18.04 -9.69 -6.58
C GLY B 53 -17.53 -10.11 -5.21
N SER B 54 -17.95 -11.29 -4.75
CA SER B 54 -17.53 -11.82 -3.44
C SER B 54 -16.05 -12.26 -3.38
N ALA B 55 -15.38 -12.34 -4.53
CA ALA B 55 -13.96 -12.65 -4.60
C ALA B 55 -13.07 -11.54 -3.97
N CYS B 56 -13.64 -10.35 -3.71
CA CYS B 56 -12.96 -9.25 -3.02
C CYS B 56 -13.89 -8.74 -1.92
N ALA B 57 -13.39 -8.62 -0.68
CA ALA B 57 -14.19 -8.10 0.45
C ALA B 57 -14.33 -6.57 0.28
N TYR B 58 -13.22 -5.89 0.08
CA TYR B 58 -13.21 -4.46 -0.21
C TYR B 58 -11.94 -4.05 -0.93
N TYR B 59 -11.96 -2.84 -1.48
CA TYR B 59 -10.78 -2.27 -2.10
C TYR B 59 -10.45 -0.90 -1.52
N THR B 60 -9.21 -0.48 -1.76
CA THR B 60 -8.68 0.80 -1.29
C THR B 60 -8.07 1.48 -2.50
N VAL B 61 -8.06 2.82 -2.53
CA VAL B 61 -7.42 3.59 -3.61
C VAL B 61 -6.66 4.76 -2.99
N GLU B 62 -5.49 5.04 -3.55
CA GLU B 62 -4.68 6.17 -3.10
C GLU B 62 -3.98 6.89 -4.26
N LYS B 63 -3.68 8.16 -4.02
CA LYS B 63 -2.98 9.03 -4.96
C LYS B 63 -1.66 9.44 -4.33
N GLY B 64 -0.54 9.15 -5.00
CA GLY B 64 0.80 9.50 -4.48
C GLY B 64 1.03 10.98 -4.38
N LEU B 65 1.59 11.44 -3.26
CA LEU B 65 1.85 12.89 -3.09
C LEU B 65 3.33 13.24 -3.01
N ALA B 66 4.10 12.43 -2.29
CA ALA B 66 5.52 12.71 -2.08
C ALA B 66 6.26 11.47 -1.62
N GLY B 67 7.59 11.50 -1.77
CA GLY B 67 8.50 10.48 -1.29
C GLY B 67 9.00 10.90 0.09
N SER B 68 10.10 10.35 0.56
CA SER B 68 10.65 10.68 1.89
C SER B 68 11.24 12.09 2.00
N ALA B 69 12.11 12.45 1.06
CA ALA B 69 12.80 13.76 1.09
C ALA B 69 11.86 14.91 0.66
N SER B 70 12.22 16.14 1.06
CA SER B 70 11.44 17.35 0.73
C SER B 70 11.45 17.52 -0.78
N GLY B 71 10.26 17.65 -1.37
CA GLY B 71 10.12 17.80 -2.82
C GLY B 71 10.40 16.56 -3.66
N ALA B 72 10.57 15.41 -3.02
CA ALA B 72 10.81 14.16 -3.70
C ALA B 72 9.44 13.67 -4.22
N PRO B 73 9.39 13.19 -5.47
CA PRO B 73 8.11 12.66 -5.94
C PRO B 73 7.83 11.30 -5.27
N PRO B 74 6.56 10.86 -5.28
CA PRO B 74 6.27 9.53 -4.74
C PRO B 74 6.80 8.44 -5.72
N ALA B 75 7.05 7.23 -5.20
CA ALA B 75 7.48 6.11 -6.05
C ALA B 75 6.35 5.71 -7.01
N PHE B 76 5.12 5.72 -6.50
CA PHE B 76 3.91 5.39 -7.26
C PHE B 76 2.93 6.55 -7.35
N VAL B 77 2.54 6.90 -8.57
CA VAL B 77 1.53 7.95 -8.84
C VAL B 77 0.16 7.55 -8.25
N ALA B 78 -0.15 6.25 -8.29
CA ALA B 78 -1.40 5.73 -7.78
C ALA B 78 -1.25 4.28 -7.38
N MSE B 79 -2.06 3.85 -6.42
CA MSE B 79 -2.10 2.47 -5.97
C MSE B 79 -3.52 2.08 -5.60
O MSE B 79 -4.35 2.92 -5.27
CB MSE B 79 -1.21 2.27 -4.72
CG MSE B 79 0.27 2.61 -4.90
SE MSE B 79 1.27 2.67 -3.22
CE MSE B 79 1.02 4.50 -2.87
N CYS B 80 -3.79 0.77 -5.69
CA CYS B 80 -5.01 0.21 -5.13
C CYS B 80 -4.66 -1.12 -4.50
N ALA B 81 -5.56 -1.59 -3.65
CA ALA B 81 -5.43 -2.89 -3.01
C ALA B 81 -6.78 -3.59 -3.02
N PHE B 82 -6.79 -4.89 -3.24
CA PHE B 82 -7.98 -5.72 -3.19
C PHE B 82 -7.76 -6.64 -2.00
N ILE B 83 -8.57 -6.48 -0.96
CA ILE B 83 -8.50 -7.33 0.25
C ILE B 83 -9.46 -8.48 0.00
N CYS B 84 -8.95 -9.72 -0.02
CA CYS B 84 -9.72 -10.91 -0.40
C CYS B 84 -9.55 -12.08 0.56
N ASP B 85 -10.60 -12.90 0.72
CA ASP B 85 -10.56 -14.10 1.58
C ASP B 85 -9.86 -15.29 0.91
N SER B 86 -9.83 -15.31 -0.42
CA SER B 86 -9.25 -16.40 -1.22
C SER B 86 -8.46 -15.92 -2.44
N ALA B 87 -7.16 -16.21 -2.48
CA ALA B 87 -6.32 -15.89 -3.64
C ALA B 87 -6.84 -16.59 -4.91
N GLU B 88 -7.25 -17.86 -4.77
CA GLU B 88 -7.77 -18.67 -5.89
C GLU B 88 -9.00 -18.03 -6.53
N ASN B 89 -9.97 -17.66 -5.70
CA ASN B 89 -11.21 -17.02 -6.17
C ASN B 89 -10.92 -15.65 -6.80
N PHE B 90 -9.90 -14.94 -6.30
CA PHE B 90 -9.51 -13.66 -6.89
C PHE B 90 -8.94 -13.87 -8.31
N TYR B 91 -7.99 -14.80 -8.46
CA TYR B 91 -7.41 -15.09 -9.77
C TYR B 91 -8.43 -15.61 -10.77
N ALA B 92 -9.34 -16.47 -10.33
CA ALA B 92 -10.42 -17.00 -11.20
C ALA B 92 -11.29 -15.84 -11.74
N ALA B 93 -11.61 -14.87 -10.88
CA ALA B 93 -12.39 -13.68 -11.27
C ALA B 93 -11.63 -12.81 -12.29
N MSE B 94 -10.33 -12.61 -12.04
CA MSE B 94 -9.47 -11.85 -12.95
C MSE B 94 -9.26 -12.53 -14.30
O MSE B 94 -9.07 -11.85 -15.31
CB MSE B 94 -8.11 -11.58 -12.31
CG MSE B 94 -8.14 -10.57 -11.20
SE MSE B 94 -8.67 -8.79 -11.84
CE MSE B 94 -7.39 -8.47 -13.30
N TYR B 95 -9.25 -13.85 -14.31
CA TYR B 95 -9.17 -14.60 -15.56
C TYR B 95 -10.46 -14.39 -16.37
N TYR B 96 -11.61 -14.62 -15.74
CA TYR B 96 -12.90 -14.53 -16.47
C TYR B 96 -13.31 -13.12 -16.93
N HIS B 97 -13.00 -12.12 -16.13
CA HIS B 97 -13.32 -10.73 -16.44
C HIS B 97 -12.12 -9.90 -16.96
N GLY B 98 -11.00 -10.58 -17.26
CA GLY B 98 -9.77 -9.92 -17.72
C GLY B 98 -9.89 -9.10 -18.99
N ALA B 99 -10.60 -9.60 -20.00
CA ALA B 99 -10.79 -8.86 -21.26
C ALA B 99 -11.35 -7.46 -20.99
N GLU B 100 -12.44 -7.41 -20.25
CA GLU B 100 -13.10 -6.17 -19.88
C GLU B 100 -12.28 -5.29 -18.93
N ILE B 101 -11.69 -5.90 -17.89
CA ILE B 101 -10.89 -5.15 -16.91
C ILE B 101 -9.61 -4.58 -17.59
N LEU B 102 -8.87 -5.44 -18.29
CA LEU B 102 -7.65 -5.01 -19.01
C LEU B 102 -7.97 -4.05 -20.16
N GLY B 103 -9.09 -4.24 -20.82
CA GLY B 103 -9.55 -3.34 -21.90
C GLY B 103 -9.89 -1.91 -21.49
N ASP B 104 -10.14 -1.70 -20.20
CA ASP B 104 -10.47 -0.37 -19.66
C ASP B 104 -9.25 0.44 -19.17
N ILE B 105 -8.09 -0.21 -19.01
CA ILE B 105 -6.90 0.43 -18.43
C ILE B 105 -6.39 1.64 -19.21
N ALA B 106 -6.35 1.52 -20.53
CA ALA B 106 -5.91 2.61 -21.40
C ALA B 106 -6.78 3.89 -21.30
N ASN B 107 -8.01 3.78 -20.79
CA ASN B 107 -8.85 4.97 -20.56
C ASN B 107 -8.38 5.87 -19.41
N TYR B 108 -7.47 5.38 -18.56
CA TYR B 108 -6.87 6.18 -17.48
C TYR B 108 -5.33 6.22 -17.45
N THR B 109 -4.64 5.23 -18.02
CA THR B 109 -3.16 5.28 -18.06
C THR B 109 -2.50 4.34 -19.07
N ASP B 110 -1.25 4.66 -19.40
CA ASP B 110 -0.36 3.78 -20.17
C ASP B 110 0.74 3.16 -19.28
N ILE B 111 0.69 3.40 -17.97
CA ILE B 111 1.72 2.91 -17.04
C ILE B 111 1.47 1.44 -16.72
N ALA B 112 2.50 0.61 -16.83
CA ALA B 112 2.43 -0.81 -16.50
C ALA B 112 2.71 -0.90 -14.99
N PRO B 113 1.77 -1.43 -14.19
CA PRO B 113 1.97 -1.46 -12.76
C PRO B 113 2.83 -2.58 -12.20
N VAL B 114 3.41 -2.33 -11.02
CA VAL B 114 4.05 -3.38 -10.22
C VAL B 114 2.85 -4.10 -9.56
N LEU B 115 2.83 -5.42 -9.70
CA LEU B 115 1.77 -6.28 -9.17
C LEU B 115 2.33 -7.21 -8.11
N GLN B 116 1.67 -7.24 -6.94
CA GLN B 116 2.07 -8.08 -5.83
C GLN B 116 0.88 -8.68 -5.07
N ILE B 117 1.06 -9.92 -4.58
CA ILE B 117 0.11 -10.56 -3.67
C ILE B 117 0.85 -10.69 -2.34
N SER B 118 0.21 -10.22 -1.28
CA SER B 118 0.74 -10.28 0.07
C SER B 118 -0.22 -10.95 1.03
N GLU B 119 0.33 -11.54 2.09
CA GLU B 119 -0.42 -12.06 3.22
C GLU B 119 -0.73 -10.87 4.15
N VAL B 120 -1.99 -10.70 4.52
CA VAL B 120 -2.37 -9.66 5.49
C VAL B 120 -1.94 -10.15 6.88
N VAL B 121 -0.98 -9.45 7.50
CA VAL B 121 -0.49 -9.78 8.86
C VAL B 121 -1.35 -9.05 9.91
N VAL B 122 -1.52 -7.74 9.70
CA VAL B 122 -2.42 -6.89 10.50
C VAL B 122 -3.30 -6.15 9.48
N GLU B 123 -4.59 -6.50 9.44
CA GLU B 123 -5.59 -5.84 8.58
C GLU B 123 -5.74 -4.37 9.01
N ARG B 124 -5.93 -4.17 10.31
CA ARG B 124 -5.88 -2.84 10.95
C ARG B 124 -5.63 -2.98 12.44
N SER B 125 -4.64 -2.24 12.94
CA SER B 125 -4.18 -2.29 14.34
C SER B 125 -5.22 -2.04 15.42
N ASP B 126 -6.20 -1.17 15.13
CA ASP B 126 -7.29 -0.83 16.09
C ASP B 126 -8.41 -1.89 16.30
N ARG B 127 -8.43 -2.93 15.46
CA ARG B 127 -9.40 -4.05 15.53
C ARG B 127 -8.69 -5.40 15.64
C1 EDO C . 7.87 0.90 9.73
O1 EDO C . 8.33 0.17 8.57
C2 EDO C . 8.77 2.09 10.08
O2 EDO C . 10.12 1.87 9.64
C1 EDO D . -6.15 -2.44 4.13
O1 EDO D . -5.01 -2.25 3.29
C2 EDO D . -6.07 -3.77 4.90
O2 EDO D . -4.77 -4.08 5.43
C1 EDO E . -6.39 -2.84 -12.11
O1 EDO E . -7.42 -2.89 -13.08
C2 EDO E . -6.78 -1.80 -11.06
O2 EDO E . -5.67 -0.93 -10.86
C1 EDO F . -11.91 -9.12 5.33
O1 EDO F . -12.32 -10.37 4.78
C2 EDO F . -13.15 -8.27 5.62
O2 EDO F . -12.85 -7.32 6.65
C1 EDO G . -9.68 4.63 -25.79
O1 EDO G . -10.55 3.54 -25.46
C2 EDO G . -8.27 4.42 -25.26
O2 EDO G . -7.88 3.03 -25.26
C1 IPA H . 9.24 1.10 -8.93
C2 IPA H . 9.44 0.51 -7.52
C3 IPA H . 10.28 1.43 -6.63
O2 IPA H . 10.01 -0.78 -7.59
#